data_7RZL
#
_entry.id   7RZL
#
_cell.length_a   54.712
_cell.length_b   77.700
_cell.length_c   90.621
_cell.angle_alpha   90.000
_cell.angle_beta   90.000
_cell.angle_gamma   90.000
#
_symmetry.space_group_name_H-M   'P 21 21 21'
#
loop_
_entity.id
_entity.type
_entity.pdbx_description
1 polymer 'NAD(P)H-dependent oxidoreductase'
2 polymer 'NAD(P)H-dependent oxidoreductase'
3 non-polymer P-NITROPHENOL
4 non-polymer 1,2-ETHANEDIOL
5 non-polymer 'FORMIC ACID'
6 non-polymer 'FLAVIN MONONUCLEOTIDE'
7 non-polymer '4-(2-HYDROXYETHYL)-1-PIPERAZINE ETHANESULFONIC ACID'
8 water water
#
loop_
_entity_poly.entity_id
_entity_poly.type
_entity_poly.pdbx_seq_one_letter_code
_entity_poly.pdbx_strand_id
1 'polypeptide(L)'
;SNA(MSE)TQLTREQVLELFHQRSSTRYYDPAKKISDEDFECILECGRLSPSSVGSEPWKFLVIQNKTLREK(MSE)KSF
SWG(MSE)(MSE)NQLDNCSHLVVILAKKNARYDSPFFEDV(MSE)VRKGLNAEQQQAALAKYKALQEED(MSE)KLLES
DRTLFDWCSKQTYIALAN(MSE)LTGAAALGIDSCPIEGFHYDK(MSE)NECLAEEGLFDPKEYAVSVAATFGYRSRDIA
KKSRKALDEVVRWVE
;
A
2 'polypeptide(L)'
;SNA(MSE)TQLTREQVLELFHQRSSTRYYDPAKKISDEDFECILECGRLSPSSVGSEPWKFLVIQNKTLREK(MSE)KSF
SWG(MSE)(MSE)NQLDNCSHLVVILAKKNARYDSPFFEDV(MSE)VRKGLNAEQQQAALAKYKALQEED(MSE)KLLES
DRTLFDWCSKQTYIALAN(MSE)LTGAAALGIDSCPIEGFHYDK(MSE)NE(CSX)LAEEGLFDPKEYAVSVAATFGYRS
RDIAKKSRKALDEVVRWVE
;
B
#
# COMPACT_ATOMS: atom_id res chain seq x y z
N SER A 1 16.16 5.05 18.23
CA SER A 1 15.25 6.15 17.94
C SER A 1 15.25 7.13 19.13
N ASN A 2 15.23 8.44 18.87
CA ASN A 2 15.19 9.43 19.94
C ASN A 2 14.35 10.61 19.47
N ALA A 3 14.25 11.63 20.34
CA ALA A 3 13.33 12.73 20.03
C ALA A 3 13.73 13.44 18.75
N THR A 5 15.11 11.95 15.96
CA THR A 5 14.83 11.14 14.78
C THR A 5 13.35 10.76 14.71
N GLN A 6 12.53 11.37 15.56
CA GLN A 6 11.11 11.10 15.63
C GLN A 6 10.33 12.36 15.26
N LEU A 7 9.05 12.14 14.97
CA LEU A 7 8.08 13.22 14.90
C LEU A 7 7.16 13.05 16.12
N THR A 8 6.60 14.16 16.59
CA THR A 8 5.58 14.07 17.63
C THR A 8 4.28 13.59 17.01
N ARG A 9 3.33 13.17 17.88
CA ARG A 9 2.04 12.74 17.39
C ARG A 9 1.35 13.86 16.61
N GLU A 10 1.48 15.10 17.10
N GLU A 10 1.51 15.09 17.09
CA GLU A 10 0.91 16.23 16.37
CA GLU A 10 0.94 16.24 16.41
C GLU A 10 1.53 16.35 14.98
C GLU A 10 1.53 16.38 15.01
N GLN A 11 2.84 16.15 14.87
CA GLN A 11 3.48 16.29 13.57
C GLN A 11 3.08 15.15 12.64
N VAL A 12 2.94 13.93 13.18
CA VAL A 12 2.50 12.80 12.35
C VAL A 12 1.09 13.06 11.82
N LEU A 13 0.18 13.49 12.68
N LEU A 13 0.19 13.52 12.68
CA LEU A 13 -1.19 13.77 12.24
CA LEU A 13 -1.17 13.81 12.24
C LEU A 13 -1.22 14.88 11.19
C LEU A 13 -1.20 14.93 11.21
N GLU A 14 -0.41 15.92 11.38
N GLU A 14 -0.35 15.96 11.40
CA GLU A 14 -0.34 17.00 10.40
CA GLU A 14 -0.27 17.05 10.43
C GLU A 14 0.13 16.47 9.05
C GLU A 14 0.19 16.53 9.06
N LEU A 15 1.16 15.61 9.06
CA LEU A 15 1.68 15.07 7.81
C LEU A 15 0.60 14.29 7.07
N PHE A 16 -0.11 13.41 7.78
CA PHE A 16 -1.10 12.58 7.09
C PHE A 16 -2.37 13.34 6.72
N HIS A 17 -2.69 14.43 7.43
CA HIS A 17 -3.77 15.30 6.98
C HIS A 17 -3.34 16.12 5.76
N GLN A 18 -2.09 16.60 5.76
N GLN A 18 -2.08 16.57 5.74
CA GLN A 18 -1.62 17.39 4.62
CA GLN A 18 -1.59 17.40 4.64
C GLN A 18 -1.58 16.58 3.33
C GLN A 18 -1.51 16.61 3.34
N ARG A 19 -1.13 15.33 3.41
CA ARG A 19 -1.10 14.47 2.23
C ARG A 19 -2.52 14.37 1.69
N SER A 20 -2.70 14.79 0.45
CA SER A 20 -4.02 14.91 -0.15
C SER A 20 -3.86 14.66 -1.64
N SER A 21 -4.98 14.44 -2.32
CA SER A 21 -4.94 14.21 -3.76
C SER A 21 -5.09 15.54 -4.52
N THR A 22 -4.06 15.89 -5.28
CA THR A 22 -4.03 17.14 -6.05
C THR A 22 -4.40 16.84 -7.50
N ARG A 23 -5.43 17.50 -7.99
CA ARG A 23 -5.91 17.27 -9.34
C ARG A 23 -5.64 18.43 -10.28
N TYR A 24 -5.13 19.55 -9.75
CA TYR A 24 -4.80 20.73 -10.53
C TYR A 24 -3.38 21.12 -10.16
N TYR A 25 -2.47 21.05 -11.13
CA TYR A 25 -1.06 21.29 -10.92
C TYR A 25 -0.66 22.59 -11.62
N ASP A 26 0.27 23.30 -11.02
CA ASP A 26 0.86 24.46 -11.66
C ASP A 26 1.92 24.01 -12.65
N PRO A 27 1.75 24.23 -13.96
CA PRO A 27 2.75 23.76 -14.93
C PRO A 27 4.07 24.51 -14.85
N ALA A 28 4.13 25.64 -14.16
CA ALA A 28 5.35 26.42 -14.07
C ALA A 28 6.26 25.98 -12.93
N LYS A 29 5.83 25.04 -12.10
CA LYS A 29 6.56 24.62 -10.91
C LYS A 29 7.02 23.18 -11.09
N LYS A 30 8.33 22.99 -11.15
CA LYS A 30 8.90 21.65 -11.34
C LYS A 30 9.60 21.21 -10.07
N ILE A 31 9.52 19.91 -9.79
CA ILE A 31 10.24 19.32 -8.69
C ILE A 31 11.71 19.21 -9.06
N SER A 32 12.59 19.56 -8.13
CA SER A 32 14.03 19.44 -8.35
C SER A 32 14.44 17.98 -8.53
N ASP A 33 15.53 17.77 -9.29
CA ASP A 33 16.05 16.41 -9.47
C ASP A 33 16.29 15.72 -8.14
N GLU A 34 16.82 16.47 -7.16
N GLU A 34 16.83 16.46 -7.16
CA GLU A 34 17.17 15.91 -5.86
CA GLU A 34 17.16 15.86 -5.87
C GLU A 34 15.92 15.56 -5.04
C GLU A 34 15.90 15.52 -5.08
N ASP A 35 14.92 16.43 -5.03
CA ASP A 35 13.67 16.12 -4.33
C ASP A 35 12.99 14.92 -4.96
N PHE A 36 12.99 14.83 -6.29
CA PHE A 36 12.32 13.71 -6.92
C PHE A 36 13.06 12.40 -6.69
N GLU A 37 14.39 12.43 -6.69
N GLU A 37 14.40 12.43 -6.70
CA GLU A 37 15.16 11.24 -6.34
CA GLU A 37 15.16 11.24 -6.34
C GLU A 37 14.80 10.77 -4.94
C GLU A 37 14.79 10.77 -4.94
N CYS A 38 14.64 11.71 -4.01
CA CYS A 38 14.20 11.38 -2.65
C CYS A 38 12.84 10.67 -2.67
N ILE A 39 11.88 11.21 -3.42
CA ILE A 39 10.58 10.55 -3.54
C ILE A 39 10.75 9.12 -4.03
N LEU A 40 11.53 8.92 -5.11
CA LEU A 40 11.77 7.57 -5.60
C LEU A 40 12.40 6.68 -4.54
N GLU A 41 13.30 7.24 -3.73
CA GLU A 41 13.92 6.45 -2.66
C GLU A 41 12.87 5.95 -1.67
N CYS A 42 11.85 6.76 -1.37
CA CYS A 42 10.77 6.31 -0.49
C CYS A 42 10.09 5.07 -1.05
N GLY A 43 9.91 5.03 -2.37
CA GLY A 43 9.39 3.81 -2.98
C GLY A 43 10.37 2.65 -2.86
N ARG A 44 11.63 2.89 -3.25
CA ARG A 44 12.62 1.82 -3.27
C ARG A 44 12.82 1.20 -1.89
N LEU A 45 12.78 2.01 -0.84
CA LEU A 45 13.02 1.50 0.51
C LEU A 45 11.79 0.87 1.14
N SER A 46 10.67 0.81 0.42
CA SER A 46 9.46 0.25 0.99
C SER A 46 9.63 -1.23 1.30
N PRO A 47 8.96 -1.73 2.34
CA PRO A 47 8.94 -3.17 2.59
C PRO A 47 8.08 -3.86 1.55
N SER A 48 8.24 -5.18 1.46
CA SER A 48 7.48 -5.99 0.53
C SER A 48 7.49 -7.41 1.04
N SER A 49 6.41 -8.14 0.76
CA SER A 49 6.36 -9.53 1.21
C SER A 49 7.57 -10.28 0.68
N VAL A 50 8.20 -11.07 1.55
CA VAL A 50 9.38 -11.88 1.27
C VAL A 50 10.54 -11.05 0.72
N GLY A 51 10.50 -9.74 0.91
CA GLY A 51 11.57 -8.91 0.36
C GLY A 51 11.62 -8.94 -1.15
N SER A 52 10.47 -9.16 -1.79
CA SER A 52 10.38 -9.40 -3.22
C SER A 52 10.55 -8.14 -4.07
N GLU A 53 10.30 -6.95 -3.52
CA GLU A 53 10.44 -5.67 -4.21
C GLU A 53 9.95 -5.80 -5.67
N PRO A 54 8.70 -6.21 -5.88
CA PRO A 54 8.31 -6.67 -7.22
C PRO A 54 7.85 -5.52 -8.11
N TRP A 55 8.59 -4.42 -8.08
CA TRP A 55 8.14 -3.19 -8.71
C TRP A 55 9.19 -2.66 -9.67
N LYS A 56 8.70 -1.87 -10.62
CA LYS A 56 9.53 -1.02 -11.45
C LYS A 56 8.81 0.32 -11.53
N PHE A 57 9.59 1.39 -11.45
CA PHE A 57 9.04 2.74 -11.51
C PHE A 57 9.41 3.38 -12.84
N LEU A 58 8.41 3.61 -13.71
CA LEU A 58 8.64 4.31 -14.97
C LEU A 58 8.33 5.78 -14.77
N VAL A 59 9.31 6.65 -14.99
CA VAL A 59 9.10 8.10 -14.83
C VAL A 59 8.79 8.68 -16.22
N ILE A 60 7.53 9.03 -16.45
CA ILE A 60 7.04 9.39 -17.78
C ILE A 60 7.09 10.91 -17.88
N GLN A 61 8.20 11.44 -18.40
CA GLN A 61 8.34 12.89 -18.59
C GLN A 61 8.08 13.32 -20.02
N ASN A 62 8.23 12.40 -20.99
CA ASN A 62 8.07 12.75 -22.38
C ASN A 62 6.69 13.32 -22.64
N LYS A 63 6.64 14.53 -23.20
CA LYS A 63 5.36 15.21 -23.38
C LYS A 63 4.49 14.55 -24.44
N THR A 64 5.11 13.99 -25.48
CA THR A 64 4.32 13.35 -26.52
C THR A 64 3.64 12.09 -25.99
N LEU A 65 4.36 11.33 -25.17
CA LEU A 65 3.77 10.15 -24.56
C LEU A 65 2.67 10.54 -23.57
N ARG A 66 2.90 11.59 -22.77
CA ARG A 66 1.83 12.05 -21.89
C ARG A 66 0.59 12.45 -22.68
N GLU A 67 0.78 13.13 -23.82
N GLU A 67 0.79 13.12 -23.82
CA GLU A 67 -0.37 13.51 -24.63
CA GLU A 67 -0.36 13.52 -24.65
C GLU A 67 -1.13 12.29 -25.12
C GLU A 67 -1.13 12.30 -25.14
N LYS A 68 -0.41 11.27 -25.61
CA LYS A 68 -1.07 10.05 -26.09
C LYS A 68 -1.90 9.39 -25.00
N LYS A 70 -3.53 10.73 -22.67
N LYS A 70 -3.53 10.73 -22.70
CA LYS A 70 -4.74 11.45 -22.32
CA LYS A 70 -4.73 11.45 -22.31
C LYS A 70 -5.99 10.72 -22.80
C LYS A 70 -5.99 10.75 -22.82
N SER A 71 -5.93 10.16 -24.01
CA SER A 71 -7.12 9.56 -24.60
C SER A 71 -7.64 8.34 -23.83
N PHE A 72 -6.81 7.67 -23.04
CA PHE A 72 -7.27 6.51 -22.29
C PHE A 72 -6.98 6.63 -20.79
N SER A 73 -6.78 7.85 -20.29
CA SER A 73 -6.44 8.09 -18.88
C SER A 73 -7.35 9.16 -18.27
N TRP A 74 -8.66 8.86 -18.21
CA TRP A 74 -9.65 9.84 -17.77
C TRP A 74 -9.36 10.37 -16.37
N GLY A 75 -8.85 9.52 -15.48
CA GLY A 75 -8.61 9.92 -14.10
C GLY A 75 -7.46 10.88 -13.92
N ASN A 78 -6.46 15.83 -16.81
CA ASN A 78 -6.19 17.24 -16.49
C ASN A 78 -4.94 17.42 -15.65
N GLN A 79 -4.28 16.32 -15.29
CA GLN A 79 -2.99 16.37 -14.61
C GLN A 79 -1.83 16.10 -15.55
N LEU A 80 -2.06 15.37 -16.64
CA LEU A 80 -0.96 14.97 -17.53
C LEU A 80 -0.25 16.17 -18.13
N ASP A 81 -0.99 17.24 -18.43
CA ASP A 81 -0.40 18.41 -19.06
C ASP A 81 0.45 19.22 -18.08
N ASN A 82 0.12 19.20 -16.79
CA ASN A 82 0.69 20.20 -15.89
C ASN A 82 1.47 19.63 -14.72
N CYS A 83 1.39 18.33 -14.43
CA CYS A 83 2.17 17.81 -13.31
C CYS A 83 3.66 17.85 -13.63
N SER A 84 4.47 17.90 -12.57
CA SER A 84 5.92 17.91 -12.75
C SER A 84 6.41 16.55 -13.20
N HIS A 85 6.00 15.50 -12.50
CA HIS A 85 6.49 14.17 -12.75
C HIS A 85 5.32 13.20 -12.70
N LEU A 86 5.40 12.18 -13.54
CA LEU A 86 4.43 11.09 -13.53
C LEU A 86 5.18 9.78 -13.36
N VAL A 87 4.73 8.94 -12.43
CA VAL A 87 5.33 7.62 -12.24
C VAL A 87 4.27 6.59 -12.56
N VAL A 88 4.59 5.64 -13.44
CA VAL A 88 3.74 4.46 -13.66
C VAL A 88 4.47 3.30 -13.02
N ILE A 89 3.86 2.68 -12.01
CA ILE A 89 4.46 1.58 -11.28
C ILE A 89 4.04 0.26 -11.91
N LEU A 90 5.03 -0.56 -12.26
CA LEU A 90 4.78 -1.90 -12.77
C LEU A 90 4.91 -2.89 -11.63
N ALA A 91 4.19 -4.01 -11.74
CA ALA A 91 4.35 -5.13 -10.82
C ALA A 91 4.80 -6.37 -11.60
N LYS A 92 5.60 -7.21 -10.95
CA LYS A 92 6.14 -8.42 -11.55
C LYS A 92 5.03 -9.44 -11.81
N LYS A 93 5.04 -10.05 -13.01
CA LYS A 93 4.19 -11.19 -13.34
C LYS A 93 4.87 -12.50 -13.00
N ASN A 94 4.06 -13.49 -12.68
CA ASN A 94 4.56 -14.86 -12.48
C ASN A 94 5.67 -14.95 -11.44
N ALA A 95 5.52 -14.25 -10.33
CA ALA A 95 6.56 -14.22 -9.29
C ALA A 95 6.45 -15.43 -8.37
N ARG A 96 6.57 -16.62 -8.97
CA ARG A 96 6.51 -17.87 -8.23
C ARG A 96 7.78 -18.10 -7.42
N TYR A 97 7.63 -18.84 -6.31
CA TYR A 97 8.78 -19.16 -5.46
C TYR A 97 9.87 -19.87 -6.24
N ASP A 98 9.53 -20.58 -7.30
CA ASP A 98 10.51 -21.35 -8.06
C ASP A 98 11.00 -20.64 -9.33
N SER A 99 10.71 -19.34 -9.48
CA SER A 99 11.08 -18.62 -10.69
C SER A 99 12.47 -18.02 -10.57
N PRO A 100 13.11 -17.74 -11.70
CA PRO A 100 14.38 -16.99 -11.65
C PRO A 100 14.29 -15.68 -10.89
N PHE A 101 13.14 -14.99 -10.98
CA PHE A 101 12.94 -13.77 -10.24
C PHE A 101 13.17 -13.99 -8.75
N PHE A 102 12.66 -15.10 -8.21
CA PHE A 102 12.82 -15.36 -6.79
C PHE A 102 14.24 -15.70 -6.40
N GLU A 103 15.07 -16.19 -7.32
CA GLU A 103 16.48 -16.42 -6.99
C GLU A 103 17.16 -15.12 -6.63
N ASP A 104 16.95 -14.07 -7.43
N ASP A 104 16.94 -14.08 -7.44
CA ASP A 104 17.56 -12.78 -7.13
CA ASP A 104 17.52 -12.77 -7.17
C ASP A 104 17.03 -12.22 -5.82
C ASP A 104 17.02 -12.21 -5.84
N VAL A 105 15.73 -12.40 -5.55
CA VAL A 105 15.17 -11.99 -4.26
C VAL A 105 15.96 -12.61 -3.12
N VAL A 107 19.07 -14.10 -3.27
CA VAL A 107 20.53 -13.85 -3.26
C VAL A 107 20.85 -12.58 -2.48
N ARG A 108 20.05 -11.52 -2.65
N ARG A 108 20.03 -11.54 -2.64
CA ARG A 108 20.39 -10.28 -1.95
CA ARG A 108 20.26 -10.26 -1.98
C ARG A 108 20.05 -10.30 -0.47
C ARG A 108 20.19 -10.36 -0.46
N LYS A 109 19.58 -11.41 0.08
CA LYS A 109 19.43 -11.56 1.52
C LYS A 109 20.70 -12.03 2.22
N GLY A 110 21.72 -12.46 1.48
CA GLY A 110 22.96 -12.89 2.12
C GLY A 110 22.83 -14.10 3.03
N LEU A 111 22.01 -15.08 2.65
CA LEU A 111 21.80 -16.28 3.43
C LEU A 111 22.73 -17.40 2.97
N ASN A 112 22.98 -18.36 3.85
CA ASN A 112 23.73 -19.53 3.42
C ASN A 112 22.76 -20.53 2.82
N ALA A 113 23.30 -21.64 2.31
CA ALA A 113 22.47 -22.59 1.57
C ALA A 113 21.37 -23.20 2.43
N GLU A 114 21.69 -23.52 3.69
CA GLU A 114 20.67 -24.10 4.55
C GLU A 114 19.57 -23.08 4.87
N GLN A 115 19.97 -21.84 5.16
CA GLN A 115 18.99 -20.78 5.41
C GLN A 115 18.14 -20.54 4.18
N GLN A 116 18.77 -20.62 3.00
CA GLN A 116 18.03 -20.42 1.75
C GLN A 116 16.95 -21.47 1.56
N GLN A 117 17.23 -22.72 1.92
CA GLN A 117 16.23 -23.77 1.74
C GLN A 117 15.10 -23.64 2.75
N ALA A 118 15.42 -23.23 3.97
CA ALA A 118 14.39 -22.99 4.97
C ALA A 118 13.50 -21.84 4.53
N ALA A 119 14.11 -20.78 3.98
CA ALA A 119 13.34 -19.64 3.50
C ALA A 119 12.46 -20.06 2.32
N LEU A 120 13.03 -20.81 1.38
CA LEU A 120 12.25 -21.21 0.22
C LEU A 120 11.05 -22.04 0.61
N ALA A 121 11.20 -22.93 1.60
CA ALA A 121 10.08 -23.76 2.01
C ALA A 121 8.98 -22.91 2.60
N LYS A 122 9.34 -21.86 3.36
CA LYS A 122 8.34 -20.94 3.89
C LYS A 122 7.60 -20.25 2.76
N TYR A 123 8.34 -19.80 1.75
CA TYR A 123 7.74 -19.01 0.70
C TYR A 123 6.86 -19.87 -0.20
N LYS A 124 7.24 -21.14 -0.41
CA LYS A 124 6.38 -22.05 -1.15
C LYS A 124 5.05 -22.25 -0.43
N ALA A 125 5.09 -22.53 0.87
CA ALA A 125 3.86 -22.69 1.63
C ALA A 125 3.01 -21.43 1.61
N LEU A 126 3.65 -20.28 1.74
CA LEU A 126 2.94 -19.01 1.71
C LEU A 126 2.15 -18.89 0.43
N GLN A 127 2.79 -19.14 -0.70
CA GLN A 127 2.12 -18.95 -1.99
C GLN A 127 1.10 -20.05 -2.25
N GLU A 128 1.44 -21.30 -1.96
N GLU A 128 1.46 -21.30 -2.00
CA GLU A 128 0.62 -22.42 -2.42
CA GLU A 128 0.60 -22.43 -2.37
C GLU A 128 -0.56 -22.68 -1.50
C GLU A 128 -0.56 -22.60 -1.39
N GLU A 129 -0.31 -22.70 -0.19
N GLU A 129 -0.27 -22.45 -0.18
CA GLU A 129 -1.32 -23.10 0.79
CA GLU A 129 -1.15 -23.09 0.79
C GLU A 129 -1.90 -21.93 1.56
C GLU A 129 -1.81 -22.05 1.68
N ASP A 130 -1.09 -20.98 1.99
CA ASP A 130 -1.58 -20.01 2.95
C ASP A 130 -2.36 -18.89 2.27
N LYS A 132 -2.89 -18.98 -1.24
N LYS A 132 -2.87 -18.97 -1.26
CA LYS A 132 -3.53 -19.55 -2.42
CA LYS A 132 -3.52 -19.57 -2.43
C LYS A 132 -3.34 -18.68 -3.66
C LYS A 132 -3.33 -18.73 -3.69
N LEU A 133 -2.09 -18.29 -3.90
CA LEU A 133 -1.79 -17.37 -4.99
C LEU A 133 -1.64 -18.06 -6.31
N LEU A 134 -1.50 -19.37 -6.32
CA LEU A 134 -1.33 -20.05 -7.58
C LEU A 134 -2.68 -20.45 -8.20
N GLU A 135 -3.80 -19.86 -7.72
CA GLU A 135 -5.10 -20.06 -8.36
C GLU A 135 -5.05 -19.70 -9.84
N SER A 136 -4.38 -18.61 -10.17
CA SER A 136 -4.37 -18.13 -11.54
C SER A 136 -3.22 -17.15 -11.69
N ASP A 137 -2.85 -16.88 -12.94
CA ASP A 137 -1.80 -15.90 -13.20
C ASP A 137 -2.18 -14.55 -12.60
N ARG A 138 -3.46 -14.17 -12.71
CA ARG A 138 -3.87 -12.87 -12.22
C ARG A 138 -3.80 -12.79 -10.70
N THR A 139 -4.14 -13.88 -10.01
N THR A 139 -4.16 -13.87 -9.99
CA THR A 139 -4.06 -13.87 -8.56
CA THR A 139 -4.06 -13.82 -8.53
C THR A 139 -2.62 -13.61 -8.11
C THR A 139 -2.61 -13.60 -8.11
N LEU A 140 -1.67 -14.25 -8.78
CA LEU A 140 -0.28 -14.08 -8.41
C LEU A 140 0.23 -12.70 -8.79
N PHE A 141 -0.19 -12.17 -9.95
CA PHE A 141 0.15 -10.79 -10.29
C PHE A 141 -0.40 -9.82 -9.27
N ASP A 142 -1.66 -10.03 -8.85
CA ASP A 142 -2.28 -9.08 -7.93
C ASP A 142 -1.58 -9.07 -6.57
N TRP A 143 -0.98 -10.19 -6.18
CA TRP A 143 -0.17 -10.20 -4.97
C TRP A 143 1.02 -9.24 -5.09
N CYS A 144 1.78 -9.32 -6.19
CA CYS A 144 2.85 -8.34 -6.40
C CYS A 144 2.30 -6.93 -6.46
N SER A 145 1.15 -6.76 -7.14
CA SER A 145 0.57 -5.43 -7.24
C SER A 145 0.25 -4.86 -5.86
N LYS A 146 -0.25 -5.69 -4.93
CA LYS A 146 -0.46 -5.19 -3.57
C LYS A 146 0.82 -4.61 -2.98
N GLN A 147 1.96 -5.29 -3.17
CA GLN A 147 3.20 -4.74 -2.62
C GLN A 147 3.52 -3.39 -3.24
N THR A 148 3.20 -3.21 -4.53
CA THR A 148 3.46 -1.92 -5.15
C THR A 148 2.64 -0.81 -4.54
N TYR A 149 1.48 -1.12 -3.96
CA TYR A 149 0.68 -0.07 -3.32
C TYR A 149 1.34 0.42 -2.03
N ILE A 150 2.19 -0.40 -1.41
CA ILE A 150 3.02 0.07 -0.30
C ILE A 150 4.00 1.12 -0.81
N ALA A 151 4.69 0.82 -1.92
CA ALA A 151 5.63 1.77 -2.47
C ALA A 151 4.92 3.06 -2.90
N LEU A 152 3.76 2.93 -3.55
CA LEU A 152 2.92 4.08 -3.87
C LEU A 152 2.66 4.93 -2.63
N ALA A 153 2.14 4.31 -1.57
CA ALA A 153 1.79 5.06 -0.38
C ALA A 153 2.99 5.82 0.16
N ASN A 154 4.14 5.16 0.19
CA ASN A 154 5.32 5.79 0.78
C ASN A 154 5.84 6.95 -0.09
N LEU A 156 3.82 8.90 -1.86
CA LEU A 156 2.92 10.02 -1.62
C LEU A 156 3.24 10.70 -0.29
N THR A 157 3.53 9.90 0.75
CA THR A 157 3.83 10.47 2.06
C THR A 157 5.17 11.19 2.06
N GLY A 158 6.19 10.59 1.46
CA GLY A 158 7.49 11.25 1.36
C GLY A 158 7.39 12.57 0.60
N ALA A 159 6.66 12.57 -0.53
CA ALA A 159 6.45 13.81 -1.26
C ALA A 159 5.80 14.85 -0.35
N ALA A 160 4.74 14.47 0.37
CA ALA A 160 4.06 15.43 1.25
C ALA A 160 4.99 15.97 2.32
N ALA A 161 5.85 15.11 2.86
CA ALA A 161 6.82 15.56 3.85
C ALA A 161 7.79 16.60 3.28
N LEU A 162 8.06 16.53 1.98
CA LEU A 162 8.93 17.50 1.31
C LEU A 162 8.17 18.73 0.85
N GLY A 163 6.87 18.82 1.14
CA GLY A 163 6.07 19.91 0.65
C GLY A 163 5.62 19.77 -0.80
N ILE A 164 5.62 18.55 -1.31
CA ILE A 164 5.32 18.29 -2.72
C ILE A 164 3.97 17.59 -2.82
N ASP A 165 3.13 18.05 -3.75
CA ASP A 165 1.79 17.52 -3.92
C ASP A 165 1.83 16.29 -4.84
N SER A 166 0.76 15.49 -4.77
CA SER A 166 0.75 14.24 -5.53
C SER A 166 -0.69 13.79 -5.71
N CYS A 167 -0.88 12.78 -6.55
CA CYS A 167 -2.20 12.16 -6.65
C CYS A 167 -1.99 10.72 -7.09
N PRO A 168 -2.49 9.74 -6.32
CA PRO A 168 -2.49 8.34 -6.80
C PRO A 168 -3.53 8.18 -7.90
N ILE A 169 -3.24 7.31 -8.88
CA ILE A 169 -4.05 7.21 -10.10
C ILE A 169 -4.32 5.75 -10.49
N GLU A 170 -5.60 5.38 -10.53
CA GLU A 170 -6.05 4.13 -11.16
C GLU A 170 -6.92 4.39 -12.38
N GLY A 171 -7.29 5.64 -12.64
CA GLY A 171 -8.27 5.96 -13.67
C GLY A 171 -7.72 5.95 -15.08
N PHE A 172 -7.33 4.78 -15.56
CA PHE A 172 -6.88 4.67 -16.94
C PHE A 172 -7.23 3.27 -17.42
N HIS A 173 -7.21 3.09 -18.74
CA HIS A 173 -7.50 1.80 -19.33
C HIS A 173 -6.23 0.95 -19.25
N TYR A 174 -6.26 -0.07 -18.40
CA TYR A 174 -5.05 -0.83 -18.12
C TYR A 174 -4.54 -1.58 -19.35
N ASP A 175 -5.43 -2.19 -20.15
CA ASP A 175 -4.94 -2.89 -21.34
C ASP A 175 -4.28 -1.92 -22.30
N LYS A 176 -4.91 -0.76 -22.53
CA LYS A 176 -4.33 0.20 -23.45
C LYS A 176 -3.03 0.75 -22.92
N ASN A 178 -0.90 -0.78 -20.78
CA ASN A 178 0.08 -1.86 -20.91
C ASN A 178 0.58 -1.97 -22.35
N GLU A 179 -0.36 -1.99 -23.31
N GLU A 179 -0.35 -1.94 -23.31
CA GLU A 179 0.03 -2.14 -24.72
CA GLU A 179 0.03 -2.16 -24.70
C GLU A 179 0.92 -0.99 -25.16
C GLU A 179 0.85 -0.99 -25.24
N CYS A 180 0.52 0.23 -24.84
CA CYS A 180 1.28 1.40 -25.25
C CYS A 180 2.68 1.38 -24.65
N LEU A 181 2.79 1.18 -23.35
CA LEU A 181 4.12 1.24 -22.74
C LEU A 181 5.01 0.08 -23.20
N ALA A 182 4.44 -1.11 -23.42
CA ALA A 182 5.23 -2.22 -23.98
C ALA A 182 5.67 -1.92 -25.40
N GLU A 183 4.80 -1.29 -26.22
CA GLU A 183 5.17 -0.96 -27.60
C GLU A 183 6.27 0.08 -27.65
N GLU A 184 6.32 0.96 -26.65
CA GLU A 184 7.41 1.92 -26.48
C GLU A 184 8.69 1.27 -25.99
N GLY A 185 8.68 -0.03 -25.73
CA GLY A 185 9.87 -0.74 -25.33
C GLY A 185 10.25 -0.54 -23.88
N LEU A 186 9.29 -0.16 -23.04
CA LEU A 186 9.63 0.26 -21.68
C LEU A 186 9.72 -0.90 -20.70
N PHE A 187 9.18 -2.07 -21.05
CA PHE A 187 9.30 -3.28 -20.25
C PHE A 187 8.91 -4.47 -21.12
N ASP A 188 9.29 -5.65 -20.66
CA ASP A 188 8.90 -6.88 -21.31
C ASP A 188 7.52 -7.27 -20.81
N PRO A 189 6.49 -7.28 -21.67
CA PRO A 189 5.15 -7.55 -21.19
C PRO A 189 4.94 -8.98 -20.73
N LYS A 190 5.88 -9.89 -20.99
CA LYS A 190 5.82 -11.22 -20.39
C LYS A 190 6.22 -11.18 -18.92
N GLU A 191 6.97 -10.16 -18.50
CA GLU A 191 7.57 -10.14 -17.18
C GLU A 191 6.94 -9.17 -16.20
N TYR A 192 6.35 -8.06 -16.69
CA TYR A 192 5.76 -7.05 -15.84
C TYR A 192 4.47 -6.56 -16.49
N ALA A 193 3.61 -5.95 -15.67
CA ALA A 193 2.42 -5.27 -16.17
C ALA A 193 2.15 -4.05 -15.30
N VAL A 194 1.39 -3.10 -15.85
CA VAL A 194 1.08 -1.90 -15.08
C VAL A 194 0.26 -2.22 -13.84
N SER A 195 0.64 -1.64 -12.72
CA SER A 195 -0.07 -1.78 -11.44
C SER A 195 -0.86 -0.54 -11.05
N VAL A 196 -0.22 0.63 -11.01
CA VAL A 196 -0.87 1.86 -10.52
C VAL A 196 0.04 3.01 -10.90
N ALA A 197 -0.48 4.24 -10.87
CA ALA A 197 0.33 5.37 -11.24
C ALA A 197 0.21 6.47 -10.17
N ALA A 198 1.04 7.50 -10.32
CA ALA A 198 0.95 8.64 -9.42
C ALA A 198 1.57 9.85 -10.11
N THR A 199 0.92 11.00 -9.91
CA THR A 199 1.44 12.28 -10.36
C THR A 199 2.02 13.03 -9.17
N PHE A 200 2.97 13.93 -9.46
CA PHE A 200 3.63 14.73 -8.45
C PHE A 200 3.86 16.14 -8.99
N GLY A 201 3.77 17.12 -8.10
CA GLY A 201 4.02 18.50 -8.50
C GLY A 201 3.60 19.47 -7.41
N TYR A 202 3.17 20.65 -7.84
CA TYR A 202 2.69 21.68 -6.92
C TYR A 202 1.31 22.13 -7.36
N ARG A 203 0.37 22.18 -6.42
CA ARG A 203 -1.03 22.43 -6.77
C ARG A 203 -1.25 23.85 -7.29
N SER A 204 -2.23 23.98 -8.17
CA SER A 204 -2.68 25.29 -8.66
C SER A 204 -4.10 25.61 -8.21
N ARG A 205 -4.69 24.76 -7.37
CA ARG A 205 -6.02 24.99 -6.84
C ARG A 205 -6.09 24.33 -5.47
N ASP A 206 -6.92 24.88 -4.59
CA ASP A 206 -6.90 24.47 -3.20
C ASP A 206 -7.51 23.07 -3.02
N ILE A 207 -7.10 22.43 -1.93
CA ILE A 207 -7.65 21.13 -1.56
C ILE A 207 -8.57 21.30 -0.36
N LYS A 209 -10.91 19.99 2.86
CA LYS A 209 -10.27 19.27 3.95
C LYS A 209 -10.54 17.77 3.83
N LYS A 210 -9.89 16.98 4.70
CA LYS A 210 -10.07 15.54 4.64
C LYS A 210 -11.52 15.17 4.94
N SER A 211 -12.02 14.16 4.22
CA SER A 211 -13.29 13.52 4.51
C SER A 211 -13.00 12.04 4.68
N ARG A 212 -13.19 11.53 5.90
CA ARG A 212 -12.97 10.12 6.18
C ARG A 212 -14.02 9.65 7.17
N LYS A 213 -14.26 8.34 7.15
CA LYS A 213 -15.00 7.69 8.21
C LYS A 213 -14.31 7.94 9.54
N ALA A 214 -15.10 7.99 10.61
CA ALA A 214 -14.53 8.19 11.94
C ALA A 214 -13.76 6.95 12.40
N LEU A 215 -12.83 7.17 13.33
CA LEU A 215 -12.03 6.07 13.85
C LEU A 215 -12.91 4.95 14.40
N ASP A 216 -14.01 5.31 15.08
CA ASP A 216 -14.91 4.32 15.66
C ASP A 216 -15.67 3.52 14.61
N GLU A 217 -15.80 4.01 13.38
N GLU A 217 -15.80 4.00 13.37
CA GLU A 217 -16.47 3.25 12.34
CA GLU A 217 -16.48 3.21 12.35
C GLU A 217 -15.55 2.18 11.75
C GLU A 217 -15.56 2.27 11.58
N VAL A 218 -14.24 2.44 11.68
CA VAL A 218 -13.32 1.54 11.00
C VAL A 218 -12.51 0.64 11.93
N VAL A 219 -12.38 0.98 13.21
CA VAL A 219 -11.58 0.21 14.16
C VAL A 219 -12.50 -0.62 15.05
N ARG A 220 -12.13 -1.88 15.28
N ARG A 220 -12.11 -1.87 15.30
CA ARG A 220 -12.77 -2.72 16.29
CA ARG A 220 -12.77 -2.73 16.28
C ARG A 220 -11.69 -3.26 17.19
C ARG A 220 -11.68 -3.28 17.19
N TRP A 221 -11.85 -3.08 18.50
CA TRP A 221 -10.89 -3.54 19.48
C TRP A 221 -11.33 -4.90 20.01
N VAL A 222 -10.40 -5.82 20.09
CA VAL A 222 -10.67 -7.17 20.59
C VAL A 222 -9.78 -7.38 21.80
N GLU A 223 -10.30 -7.08 22.99
CA GLU A 223 -9.45 -7.02 24.17
C GLU A 223 -9.41 -8.30 24.98
N GLN B 6 7.35 20.43 7.73
CA GLN B 6 8.07 20.07 6.51
C GLN B 6 9.45 19.53 6.88
N LEU B 7 9.92 18.55 6.13
N LEU B 7 9.94 18.55 6.13
CA LEU B 7 11.15 17.84 6.45
CA LEU B 7 11.15 17.82 6.46
C LEU B 7 12.19 18.02 5.36
C LEU B 7 12.19 17.96 5.36
N THR B 8 13.46 17.92 5.74
CA THR B 8 14.54 17.91 4.76
C THR B 8 14.62 16.54 4.08
N ARG B 9 15.32 16.49 2.94
CA ARG B 9 15.49 15.22 2.25
C ARG B 9 16.15 14.21 3.16
N GLU B 10 17.11 14.66 3.97
CA GLU B 10 17.82 13.74 4.85
C GLU B 10 16.88 13.20 5.92
N GLN B 11 15.97 14.03 6.40
CA GLN B 11 15.01 13.59 7.42
C GLN B 11 14.02 12.59 6.84
N VAL B 12 13.55 12.84 5.63
CA VAL B 12 12.63 11.87 5.01
C VAL B 12 13.34 10.54 4.83
N LEU B 13 14.58 10.58 4.34
CA LEU B 13 15.34 9.34 4.17
C LEU B 13 15.58 8.64 5.51
N GLU B 14 15.89 9.39 6.56
CA GLU B 14 16.07 8.78 7.88
C GLU B 14 14.83 8.03 8.33
N LEU B 15 13.65 8.59 8.07
CA LEU B 15 12.40 7.95 8.45
C LEU B 15 12.27 6.58 7.79
N PHE B 16 12.50 6.51 6.48
CA PHE B 16 12.29 5.25 5.78
C PHE B 16 13.42 4.26 6.06
N HIS B 17 14.57 4.74 6.54
CA HIS B 17 15.61 3.85 7.03
C HIS B 17 15.33 3.36 8.44
N GLN B 18 14.76 4.23 9.30
CA GLN B 18 14.36 3.78 10.63
C GLN B 18 13.27 2.72 10.54
N ARG B 19 12.45 2.75 9.50
CA ARG B 19 11.39 1.75 9.34
C ARG B 19 11.98 0.42 8.88
N SER B 20 11.80 -0.61 9.68
N SER B 20 11.84 -0.61 9.70
CA SER B 20 12.25 -1.96 9.34
CA SER B 20 12.29 -1.96 9.39
C SER B 20 11.19 -2.93 9.83
C SER B 20 11.23 -2.94 9.87
N SER B 21 11.34 -4.19 9.41
CA SER B 21 10.42 -5.23 9.84
C SER B 21 10.99 -5.89 11.08
N THR B 22 10.32 -5.69 12.22
CA THR B 22 10.81 -6.18 13.50
C THR B 22 10.18 -7.51 13.83
N ARG B 23 11.01 -8.54 13.99
N ARG B 23 11.01 -8.54 13.98
CA ARG B 23 10.55 -9.88 14.34
CA ARG B 23 10.53 -9.86 14.36
C ARG B 23 10.82 -10.25 15.79
C ARG B 23 10.69 -10.14 15.85
N TYR B 24 11.61 -9.45 16.50
CA TYR B 24 11.98 -9.70 17.89
C TYR B 24 11.54 -8.51 18.71
N TYR B 25 10.46 -8.70 19.45
CA TYR B 25 9.86 -7.64 20.25
C TYR B 25 10.19 -7.85 21.72
N ASP B 26 10.34 -6.74 22.43
CA ASP B 26 10.49 -6.72 23.88
C ASP B 26 9.12 -6.92 24.51
N PRO B 27 8.90 -8.03 25.21
CA PRO B 27 7.58 -8.31 25.76
C PRO B 27 7.21 -7.46 26.95
N ALA B 28 8.14 -6.67 27.47
CA ALA B 28 7.90 -5.79 28.59
C ALA B 28 7.59 -4.36 28.18
N LYS B 29 7.55 -4.07 26.88
CA LYS B 29 7.36 -2.71 26.39
C LYS B 29 6.02 -2.63 25.65
N LYS B 30 5.12 -1.79 26.16
N LYS B 30 5.14 -1.75 26.12
CA LYS B 30 3.81 -1.62 25.54
CA LYS B 30 3.79 -1.60 25.58
C LYS B 30 3.70 -0.22 24.95
C LYS B 30 3.59 -0.19 25.01
N ILE B 31 3.00 -0.12 23.83
CA ILE B 31 2.72 1.16 23.20
C ILE B 31 1.58 1.84 23.95
N SER B 32 1.72 3.16 24.16
CA SER B 32 0.70 3.89 24.90
C SER B 32 -0.58 3.97 24.07
N ASP B 33 -1.71 4.17 24.77
CA ASP B 33 -2.97 4.32 24.06
C ASP B 33 -2.94 5.50 23.07
N GLU B 34 -2.32 6.61 23.48
N GLU B 34 -2.34 6.62 23.47
CA GLU B 34 -2.28 7.78 22.60
CA GLU B 34 -2.30 7.77 22.57
C GLU B 34 -1.41 7.54 21.38
C GLU B 34 -1.42 7.51 21.36
N ASP B 35 -0.26 6.86 21.55
CA ASP B 35 0.58 6.56 20.39
C ASP B 35 -0.12 5.59 19.46
N PHE B 36 -0.82 4.61 20.02
CA PHE B 36 -1.44 3.64 19.14
C PHE B 36 -2.62 4.25 18.38
N GLU B 37 -3.36 5.15 19.03
CA GLU B 37 -4.43 5.85 18.32
C GLU B 37 -3.86 6.64 17.16
N CYS B 38 -2.70 7.27 17.35
CA CYS B 38 -2.05 8.00 16.26
C CYS B 38 -1.70 7.05 15.10
N ILE B 39 -1.16 5.88 15.40
CA ILE B 39 -0.90 4.88 14.35
C ILE B 39 -2.18 4.54 13.60
N LEU B 40 -3.29 4.27 14.32
CA LEU B 40 -4.54 3.97 13.65
C LEU B 40 -5.01 5.14 12.78
N GLU B 41 -4.82 6.38 13.24
CA GLU B 41 -5.19 7.54 12.44
C GLU B 41 -4.46 7.55 11.09
N CYS B 42 -3.19 7.13 11.09
CA CYS B 42 -2.45 7.09 9.82
C CYS B 42 -3.12 6.15 8.84
N GLY B 43 -3.67 5.04 9.33
CA GLY B 43 -4.43 4.14 8.47
C GLY B 43 -5.73 4.79 8.04
N ARG B 44 -6.47 5.36 9.00
CA ARG B 44 -7.78 5.95 8.67
C ARG B 44 -7.66 7.06 7.64
N LEU B 45 -6.60 7.85 7.72
CA LEU B 45 -6.38 9.01 6.85
C LEU B 45 -5.81 8.63 5.50
N SER B 46 -5.61 7.34 5.23
CA SER B 46 -4.97 6.95 4.00
C SER B 46 -5.90 7.23 2.82
N PRO B 47 -5.33 7.52 1.65
CA PRO B 47 -6.12 7.64 0.44
C PRO B 47 -6.57 6.25 -0.02
N SER B 48 -7.61 6.25 -0.85
CA SER B 48 -8.16 5.01 -1.38
C SER B 48 -8.87 5.34 -2.68
N SER B 49 -8.84 4.40 -3.61
CA SER B 49 -9.50 4.63 -4.89
C SER B 49 -10.97 4.96 -4.65
N VAL B 50 -11.45 5.99 -5.35
CA VAL B 50 -12.83 6.49 -5.28
C VAL B 50 -13.20 6.94 -3.86
N GLY B 51 -12.21 7.15 -3.00
CA GLY B 51 -12.50 7.48 -1.60
C GLY B 51 -13.31 6.38 -0.92
N SER B 52 -13.11 5.13 -1.36
CA SER B 52 -13.93 4.01 -0.90
C SER B 52 -13.59 3.55 0.51
N GLU B 53 -12.41 3.86 1.03
CA GLU B 53 -12.01 3.49 2.39
C GLU B 53 -12.47 2.06 2.73
N PRO B 54 -12.10 1.06 1.93
CA PRO B 54 -12.78 -0.24 1.97
C PRO B 54 -12.18 -1.17 3.01
N TRP B 55 -11.96 -0.65 4.21
CA TRP B 55 -11.19 -1.38 5.22
C TRP B 55 -11.85 -1.37 6.58
N LYS B 56 -11.45 -2.34 7.39
CA LYS B 56 -11.67 -2.34 8.83
C LYS B 56 -10.37 -2.75 9.50
N PHE B 57 -10.07 -2.17 10.66
CA PHE B 57 -8.85 -2.45 11.40
C PHE B 57 -9.25 -3.18 12.69
N LEU B 58 -8.89 -4.46 12.80
CA LEU B 58 -9.19 -5.24 14.01
C LEU B 58 -7.95 -5.26 14.89
N VAL B 59 -8.07 -4.76 16.11
CA VAL B 59 -6.94 -4.68 17.05
C VAL B 59 -7.03 -5.87 17.98
N ILE B 60 -6.14 -6.83 17.81
CA ILE B 60 -6.24 -8.15 18.46
C ILE B 60 -5.32 -8.16 19.67
N GLN B 61 -5.87 -7.77 20.81
CA GLN B 61 -5.10 -7.74 22.04
C GLN B 61 -5.38 -8.93 22.93
N ASN B 62 -6.51 -9.59 22.76
CA ASN B 62 -6.86 -10.74 23.59
C ASN B 62 -5.82 -11.85 23.46
N LYS B 63 -5.26 -12.25 24.60
CA LYS B 63 -4.16 -13.19 24.61
C LYS B 63 -4.61 -14.59 24.22
N THR B 64 -5.83 -14.98 24.60
CA THR B 64 -6.34 -16.29 24.22
C THR B 64 -6.51 -16.39 22.71
N LEU B 65 -7.01 -15.32 22.10
CA LEU B 65 -7.17 -15.30 20.65
C LEU B 65 -5.81 -15.31 19.95
N ARG B 66 -4.85 -14.54 20.46
CA ARG B 66 -3.51 -14.57 19.86
C ARG B 66 -2.92 -15.97 19.94
N GLU B 67 -3.12 -16.64 21.07
CA GLU B 67 -2.55 -17.97 21.21
C GLU B 67 -3.16 -18.94 20.20
N LYS B 68 -4.48 -18.83 19.98
CA LYS B 68 -5.13 -19.67 18.99
C LYS B 68 -4.56 -19.44 17.58
N LYS B 70 -1.60 -18.76 16.67
CA LYS B 70 -0.25 -19.26 16.47
C LYS B 70 -0.23 -20.49 15.57
N SER B 71 -1.22 -21.37 15.74
CA SER B 71 -1.15 -22.65 15.03
C SER B 71 -1.31 -22.51 13.52
N PHE B 72 -1.85 -21.39 13.02
CA PHE B 72 -1.96 -21.18 11.59
C PHE B 72 -1.30 -19.88 11.12
N SER B 73 -0.40 -19.30 11.93
CA SER B 73 0.24 -18.02 11.59
C SER B 73 1.76 -18.14 11.71
N TRP B 74 2.37 -18.99 10.89
CA TRP B 74 3.81 -19.24 10.98
C TRP B 74 4.63 -17.96 10.89
N GLY B 75 4.21 -17.01 10.07
CA GLY B 75 5.00 -15.80 9.82
C GLY B 75 5.07 -14.84 10.99
N ASN B 78 6.07 -16.16 16.90
CA ASN B 78 6.65 -15.64 18.14
C ASN B 78 6.30 -14.17 18.35
N GLN B 79 6.05 -13.44 17.27
CA GLN B 79 5.66 -12.06 17.48
C GLN B 79 4.36 -11.99 18.25
N LEU B 80 3.50 -13.01 18.10
CA LEU B 80 2.22 -12.98 18.80
C LEU B 80 2.40 -12.96 20.31
N ASP B 81 3.48 -13.60 20.82
CA ASP B 81 3.70 -13.63 22.26
C ASP B 81 4.26 -12.31 22.80
N ASN B 82 5.05 -11.60 22.00
CA ASN B 82 5.85 -10.50 22.51
C ASN B 82 5.42 -9.13 22.04
N CYS B 83 4.69 -9.01 20.93
CA CYS B 83 4.40 -7.68 20.41
C CYS B 83 3.37 -6.98 21.30
N SER B 84 3.37 -5.65 21.23
CA SER B 84 2.44 -4.84 22.00
C SER B 84 1.04 -4.94 21.42
N HIS B 85 0.92 -4.70 20.11
CA HIS B 85 -0.36 -4.62 19.44
C HIS B 85 -0.31 -5.39 18.12
N LEU B 86 -1.46 -5.96 17.74
CA LEU B 86 -1.61 -6.67 16.47
C LEU B 86 -2.84 -6.09 15.79
N VAL B 87 -2.70 -5.71 14.52
CA VAL B 87 -3.82 -5.26 13.70
C VAL B 87 -4.04 -6.25 12.57
N VAL B 88 -5.26 -6.73 12.41
CA VAL B 88 -5.65 -7.48 11.22
C VAL B 88 -6.55 -6.56 10.41
N ILE B 89 -6.15 -6.27 9.18
CA ILE B 89 -6.91 -5.38 8.31
C ILE B 89 -7.80 -6.20 7.41
N LEU B 90 -9.08 -5.85 7.37
CA LEU B 90 -10.06 -6.45 6.48
C LEU B 90 -10.24 -5.56 5.28
N ALA B 91 -10.58 -6.18 4.15
CA ALA B 91 -10.98 -5.47 2.94
C ALA B 91 -12.40 -5.85 2.56
N LYS B 92 -13.09 -4.90 1.95
CA LYS B 92 -14.48 -5.11 1.56
C LYS B 92 -14.58 -6.12 0.41
N LYS B 93 -15.51 -7.06 0.56
N LYS B 93 -15.51 -7.07 0.55
CA LYS B 93 -15.86 -7.99 -0.51
CA LYS B 93 -15.85 -8.01 -0.50
C LYS B 93 -16.96 -7.37 -1.37
C LYS B 93 -17.01 -7.47 -1.34
N ASN B 94 -16.98 -7.76 -2.64
CA ASN B 94 -18.10 -7.44 -3.53
C ASN B 94 -18.38 -5.93 -3.61
N ALA B 95 -17.32 -5.12 -3.66
CA ALA B 95 -17.46 -3.66 -3.76
C ALA B 95 -17.75 -3.24 -5.20
N ARG B 96 -18.85 -3.75 -5.74
CA ARG B 96 -19.27 -3.42 -7.09
C ARG B 96 -19.80 -1.99 -7.15
N TYR B 97 -19.66 -1.39 -8.34
CA TYR B 97 -20.18 -0.05 -8.58
C TYR B 97 -21.67 0.05 -8.29
N ASP B 98 -22.42 -1.05 -8.41
CA ASP B 98 -23.87 -1.06 -8.23
C ASP B 98 -24.31 -1.58 -6.87
N SER B 99 -23.38 -1.72 -5.92
CA SER B 99 -23.67 -2.22 -4.58
C SER B 99 -24.10 -1.08 -3.65
N PRO B 100 -24.79 -1.43 -2.56
CA PRO B 100 -25.09 -0.41 -1.55
C PRO B 100 -23.85 0.23 -0.98
N PHE B 101 -22.77 -0.55 -0.85
CA PHE B 101 -21.51 0.01 -0.37
C PHE B 101 -21.10 1.21 -1.20
N PHE B 102 -21.21 1.09 -2.52
CA PHE B 102 -20.80 2.17 -3.40
C PHE B 102 -21.80 3.32 -3.36
N GLU B 103 -23.09 3.00 -3.23
N GLU B 103 -23.09 3.02 -3.21
CA GLU B 103 -24.11 4.03 -3.04
CA GLU B 103 -24.05 4.11 -3.08
C GLU B 103 -23.75 4.93 -1.87
C GLU B 103 -23.73 4.96 -1.87
N ASP B 104 -23.30 4.32 -0.77
CA ASP B 104 -22.99 5.08 0.42
C ASP B 104 -21.81 6.01 0.18
N VAL B 105 -20.84 5.55 -0.62
CA VAL B 105 -19.71 6.42 -0.95
C VAL B 105 -20.20 7.69 -1.64
N VAL B 107 -23.18 9.09 -1.72
CA VAL B 107 -24.06 9.94 -0.94
C VAL B 107 -23.26 10.78 0.03
N ARG B 108 -22.27 10.18 0.70
CA ARG B 108 -21.51 10.93 1.68
C ARG B 108 -20.54 11.91 1.03
N LYS B 109 -20.25 11.76 -0.27
N LYS B 109 -20.27 11.76 -0.27
CA LYS B 109 -19.55 12.80 -1.00
CA LYS B 109 -19.56 12.77 -1.04
C LYS B 109 -20.45 13.98 -1.35
C LYS B 109 -20.44 13.96 -1.37
N GLY B 110 -21.76 13.84 -1.18
CA GLY B 110 -22.67 14.94 -1.45
C GLY B 110 -23.24 14.99 -2.84
N LEU B 111 -23.10 13.92 -3.62
N LEU B 111 -23.11 13.93 -3.63
CA LEU B 111 -23.59 13.92 -4.99
CA LEU B 111 -23.58 13.93 -4.99
C LEU B 111 -25.12 13.96 -5.02
C LEU B 111 -25.11 13.95 -5.03
N ASN B 112 -25.67 14.79 -5.90
CA ASN B 112 -27.11 14.79 -6.16
C ASN B 112 -27.48 13.62 -7.07
N ALA B 113 -28.78 13.50 -7.36
CA ALA B 113 -29.27 12.36 -8.14
C ALA B 113 -28.62 12.30 -9.52
N GLU B 114 -28.56 13.45 -10.19
CA GLU B 114 -27.94 13.49 -11.51
C GLU B 114 -26.46 13.14 -11.43
N GLN B 115 -25.76 13.69 -10.44
CA GLN B 115 -24.34 13.39 -10.32
C GLN B 115 -24.11 11.94 -9.94
N GLN B 116 -24.99 11.36 -9.12
CA GLN B 116 -24.85 9.95 -8.80
C GLN B 116 -25.04 9.07 -10.02
N GLN B 117 -25.99 9.40 -10.88
N GLN B 117 -25.99 9.40 -10.88
CA GLN B 117 -26.16 8.61 -12.09
CA GLN B 117 -26.17 8.62 -12.10
C GLN B 117 -24.92 8.69 -12.97
C GLN B 117 -24.93 8.70 -12.99
N ALA B 118 -24.34 9.89 -13.11
CA ALA B 118 -23.14 10.04 -13.91
C ALA B 118 -21.96 9.30 -13.28
N ALA B 119 -21.88 9.33 -11.96
CA ALA B 119 -20.79 8.64 -11.29
C ALA B 119 -20.92 7.13 -11.41
N LEU B 120 -22.15 6.60 -11.25
CA LEU B 120 -22.34 5.17 -11.44
C LEU B 120 -21.83 4.74 -12.79
N ALA B 121 -22.14 5.51 -13.83
CA ALA B 121 -21.68 5.17 -15.18
C ALA B 121 -20.16 5.20 -15.26
N LYS B 122 -19.55 6.22 -14.67
N LYS B 122 -19.55 6.22 -14.66
CA LYS B 122 -18.09 6.33 -14.72
CA LYS B 122 -18.11 6.37 -14.69
C LYS B 122 -17.42 5.16 -14.02
C LYS B 122 -17.42 5.20 -14.00
N TYR B 123 -17.90 4.81 -12.82
CA TYR B 123 -17.28 3.72 -12.08
C TYR B 123 -17.67 2.33 -12.58
N LYS B 124 -18.84 2.20 -13.20
CA LYS B 124 -19.11 0.99 -13.98
C LYS B 124 -18.01 0.79 -15.02
N ALA B 125 -17.70 1.84 -15.77
CA ALA B 125 -16.68 1.71 -16.81
C ALA B 125 -15.32 1.42 -16.19
N LEU B 126 -14.98 2.10 -15.09
CA LEU B 126 -13.71 1.83 -14.43
C LEU B 126 -13.59 0.36 -14.06
N GLN B 127 -14.63 -0.20 -13.41
CA GLN B 127 -14.52 -1.56 -12.92
C GLN B 127 -14.66 -2.57 -14.04
N GLU B 128 -15.61 -2.35 -14.96
CA GLU B 128 -15.93 -3.36 -15.96
C GLU B 128 -14.86 -3.42 -17.04
N GLU B 129 -14.40 -2.27 -17.52
CA GLU B 129 -13.61 -2.15 -18.73
C GLU B 129 -12.20 -1.65 -18.48
N ASP B 130 -12.04 -0.55 -17.75
CA ASP B 130 -10.69 0.03 -17.60
C ASP B 130 -9.78 -0.86 -16.78
N LYS B 132 -10.99 -3.96 -15.37
CA LYS B 132 -11.46 -5.35 -15.48
C LYS B 132 -11.45 -6.06 -14.13
N LEU B 133 -12.05 -5.39 -13.15
CA LEU B 133 -12.12 -5.94 -11.80
C LEU B 133 -13.17 -7.00 -11.63
N LEU B 134 -14.07 -7.15 -12.60
CA LEU B 134 -15.25 -7.97 -12.39
C LEU B 134 -15.09 -9.33 -13.01
N GLU B 135 -13.84 -9.72 -13.34
CA GLU B 135 -13.56 -11.06 -13.83
C GLU B 135 -14.00 -12.12 -12.83
N SER B 136 -13.80 -11.87 -11.54
CA SER B 136 -14.18 -12.84 -10.53
C SER B 136 -14.38 -12.12 -9.20
N ASP B 137 -14.98 -12.82 -8.25
CA ASP B 137 -15.13 -12.25 -6.92
C ASP B 137 -13.77 -11.90 -6.34
N ARG B 138 -12.77 -12.75 -6.58
CA ARG B 138 -11.45 -12.53 -6.00
C ARG B 138 -10.76 -11.33 -6.62
N THR B 139 -10.92 -11.10 -7.94
N THR B 139 -10.95 -11.13 -7.93
CA THR B 139 -10.29 -9.93 -8.55
CA THR B 139 -10.37 -9.98 -8.59
C THR B 139 -10.86 -8.64 -7.94
C THR B 139 -10.86 -8.68 -7.96
N LEU B 140 -12.17 -8.62 -7.70
CA LEU B 140 -12.78 -7.42 -7.11
C LEU B 140 -12.37 -7.25 -5.65
N PHE B 141 -12.30 -8.35 -4.90
CA PHE B 141 -11.76 -8.28 -3.54
C PHE B 141 -10.33 -7.77 -3.54
N ASP B 142 -9.52 -8.26 -4.47
CA ASP B 142 -8.10 -7.89 -4.47
C ASP B 142 -7.93 -6.38 -4.74
N TRP B 143 -8.86 -5.78 -5.50
CA TRP B 143 -8.83 -4.33 -5.66
C TRP B 143 -8.96 -3.60 -4.33
N CYS B 144 -9.97 -3.97 -3.53
CA CYS B 144 -10.09 -3.38 -2.20
C CYS B 144 -8.88 -3.71 -1.35
N SER B 145 -8.36 -4.93 -1.45
CA SER B 145 -7.18 -5.34 -0.68
C SER B 145 -6.00 -4.44 -1.01
N LYS B 146 -5.79 -4.11 -2.29
CA LYS B 146 -4.70 -3.21 -2.63
C LYS B 146 -4.82 -1.89 -1.87
N GLN B 147 -6.04 -1.34 -1.76
CA GLN B 147 -6.19 -0.09 -1.02
C GLN B 147 -5.76 -0.28 0.44
N THR B 148 -6.05 -1.45 1.02
CA THR B 148 -5.66 -1.66 2.42
C THR B 148 -4.13 -1.71 2.59
N TYR B 149 -3.39 -2.05 1.53
CA TYR B 149 -1.93 -2.02 1.63
C TYR B 149 -1.41 -0.61 1.73
N ILE B 150 -2.16 0.38 1.21
CA ILE B 150 -1.82 1.79 1.45
C ILE B 150 -1.97 2.13 2.93
N ALA B 151 -3.11 1.74 3.53
CA ALA B 151 -3.31 1.95 4.96
C ALA B 151 -2.25 1.22 5.78
N LEU B 152 -1.92 -0.03 5.40
CA LEU B 152 -0.84 -0.73 6.07
C LEU B 152 0.45 0.07 6.03
N ALA B 153 0.84 0.53 4.83
CA ALA B 153 2.13 1.21 4.68
C ALA B 153 2.16 2.47 5.54
N ASN B 154 1.05 3.18 5.58
CA ASN B 154 1.01 4.42 6.34
C ASN B 154 1.07 4.17 7.84
N LEU B 156 2.76 1.60 9.21
CA LEU B 156 4.15 1.27 9.50
C LEU B 156 5.00 2.53 9.56
N THR B 157 4.79 3.44 8.61
CA THR B 157 5.58 4.66 8.56
C THR B 157 5.25 5.58 9.72
N GLY B 158 3.97 5.76 10.04
CA GLY B 158 3.62 6.58 11.19
C GLY B 158 4.16 6.00 12.49
N ALA B 159 4.07 4.67 12.65
CA ALA B 159 4.68 4.04 13.82
C ALA B 159 6.18 4.36 13.89
N ALA B 160 6.89 4.20 12.76
CA ALA B 160 8.33 4.45 12.77
C ALA B 160 8.62 5.89 13.13
N ALA B 161 7.80 6.83 12.64
CA ALA B 161 7.99 8.24 12.95
C ALA B 161 7.87 8.51 14.46
N LEU B 162 7.05 7.72 15.16
CA LEU B 162 6.88 7.85 16.61
C LEU B 162 7.92 7.06 17.39
N GLY B 163 8.86 6.40 16.72
CA GLY B 163 9.82 5.58 17.44
C GLY B 163 9.34 4.19 17.76
N ILE B 164 8.31 3.72 17.08
CA ILE B 164 7.66 2.45 17.40
C ILE B 164 7.92 1.49 16.25
N ASP B 165 8.36 0.28 16.59
CA ASP B 165 8.66 -0.75 15.62
C ASP B 165 7.40 -1.48 15.18
N SER B 166 7.50 -2.15 14.04
CA SER B 166 6.36 -2.83 13.45
C SER B 166 6.85 -3.93 12.51
N CYS B 167 5.92 -4.77 12.08
CA CYS B 167 6.19 -5.76 11.04
C CYS B 167 4.91 -6.02 10.27
N PRO B 168 4.93 -5.82 8.96
CA PRO B 168 3.79 -6.25 8.14
C PRO B 168 3.79 -7.77 8.07
N ILE B 169 2.58 -8.35 8.00
CA ILE B 169 2.42 -9.80 8.11
C ILE B 169 1.46 -10.31 7.04
N GLU B 170 1.95 -11.24 6.18
CA GLU B 170 1.12 -12.08 5.32
C GLU B 170 1.21 -13.56 5.68
N GLY B 171 2.11 -13.91 6.59
CA GLY B 171 2.42 -15.32 6.83
C GLY B 171 1.44 -16.06 7.72
N PHE B 172 0.22 -16.22 7.25
CA PHE B 172 -0.77 -17.00 7.97
C PHE B 172 -1.72 -17.60 6.96
N HIS B 173 -2.41 -18.66 7.37
CA HIS B 173 -3.39 -19.29 6.51
C HIS B 173 -4.60 -18.40 6.45
N TYR B 174 -4.83 -17.77 5.29
CA TYR B 174 -5.84 -16.71 5.20
C TYR B 174 -7.24 -17.24 5.48
N ASP B 175 -7.59 -18.39 4.93
CA ASP B 175 -8.96 -18.86 5.16
C ASP B 175 -9.17 -19.27 6.62
N LYS B 176 -8.17 -19.89 7.26
CA LYS B 176 -8.34 -20.22 8.68
C LYS B 176 -8.45 -18.95 9.53
N ASN B 178 -9.60 -16.01 8.48
N ASN B 178 -9.63 -16.06 8.49
CA ASN B 178 -10.95 -15.52 8.20
CA ASN B 178 -10.94 -15.48 8.20
C ASN B 178 -11.96 -16.26 9.05
C ASN B 178 -12.06 -16.25 8.89
N GLU B 179 -11.96 -17.58 8.94
CA GLU B 179 -12.94 -18.42 9.63
C GLU B 179 -12.93 -18.12 11.11
N LEU B 181 -11.82 -15.39 12.81
CA LEU B 181 -12.28 -14.05 13.17
C LEU B 181 -13.78 -13.85 12.91
N ALA B 182 -14.31 -14.52 11.87
CA ALA B 182 -15.74 -14.47 11.63
C ALA B 182 -16.51 -15.23 12.70
N GLU B 183 -15.98 -16.38 13.15
CA GLU B 183 -16.60 -17.15 14.21
C GLU B 183 -16.67 -16.35 15.50
N GLU B 184 -15.67 -15.50 15.74
CA GLU B 184 -15.67 -14.61 16.89
C GLU B 184 -16.72 -13.51 16.77
N GLY B 185 -17.34 -13.35 15.59
CA GLY B 185 -18.36 -12.34 15.39
C GLY B 185 -17.83 -10.98 15.01
N LEU B 186 -16.56 -10.89 14.62
CA LEU B 186 -15.95 -9.58 14.45
C LEU B 186 -16.36 -8.90 13.16
N PHE B 187 -16.79 -9.66 12.16
CA PHE B 187 -17.26 -9.08 10.92
C PHE B 187 -18.20 -10.08 10.28
N ASP B 188 -18.99 -9.59 9.33
CA ASP B 188 -19.84 -10.44 8.53
C ASP B 188 -19.00 -10.97 7.37
N PRO B 189 -18.78 -12.28 7.27
CA PRO B 189 -17.87 -12.79 6.25
C PRO B 189 -18.43 -12.69 4.83
N LYS B 190 -19.70 -12.32 4.66
CA LYS B 190 -20.12 -12.00 3.30
C LYS B 190 -19.73 -10.60 2.90
N GLU B 191 -19.35 -9.76 3.85
CA GLU B 191 -19.09 -8.37 3.57
C GLU B 191 -17.63 -8.00 3.56
N TYR B 192 -16.81 -8.67 4.36
CA TYR B 192 -15.38 -8.40 4.49
C TYR B 192 -14.61 -9.69 4.56
N ALA B 193 -13.32 -9.61 4.22
CA ALA B 193 -12.41 -10.73 4.43
C ALA B 193 -11.03 -10.18 4.80
N VAL B 194 -10.23 -11.05 5.45
CA VAL B 194 -8.91 -10.63 5.89
C VAL B 194 -8.04 -10.27 4.68
N SER B 195 -7.32 -9.16 4.81
CA SER B 195 -6.45 -8.67 3.75
C SER B 195 -4.96 -8.78 4.09
N VAL B 196 -4.55 -8.30 5.27
CA VAL B 196 -3.14 -8.30 5.66
C VAL B 196 -3.12 -7.92 7.13
N ALA B 197 -2.00 -8.19 7.81
CA ALA B 197 -1.89 -7.86 9.22
C ALA B 197 -0.60 -7.09 9.50
N ALA B 198 -0.47 -6.63 10.74
CA ALA B 198 0.76 -5.95 11.17
C ALA B 198 0.89 -6.02 12.68
N THR B 199 2.10 -6.26 13.15
CA THR B 199 2.43 -6.18 14.56
C THR B 199 3.10 -4.85 14.84
N PHE B 200 2.99 -4.42 16.10
CA PHE B 200 3.61 -3.18 16.57
C PHE B 200 4.17 -3.38 17.96
N GLY B 201 5.26 -2.69 18.25
CA GLY B 201 5.87 -2.80 19.56
C GLY B 201 7.23 -2.16 19.56
N TYR B 202 8.10 -2.65 20.44
CA TYR B 202 9.44 -2.12 20.57
C TYR B 202 10.40 -3.28 20.45
N ARG B 203 11.42 -3.11 19.60
N ARG B 203 11.42 -3.12 19.59
CA ARG B 203 12.38 -4.18 19.34
CA ARG B 203 12.35 -4.22 19.34
C ARG B 203 13.12 -4.58 20.61
C ARG B 203 13.19 -4.56 20.55
N SER B 204 13.53 -5.85 20.66
CA SER B 204 14.33 -6.35 21.76
C SER B 204 15.82 -6.45 21.41
N ARG B 205 16.19 -6.16 20.17
CA ARG B 205 17.58 -6.18 19.75
C ARG B 205 17.67 -5.32 18.49
N ASP B 206 18.91 -4.99 18.11
N ASP B 206 18.90 -5.00 18.10
CA ASP B 206 19.06 -4.21 16.90
CA ASP B 206 19.08 -4.22 16.89
C ASP B 206 18.68 -5.05 15.69
C ASP B 206 18.69 -5.05 15.68
N ILE B 207 17.93 -4.43 14.77
CA ILE B 207 17.46 -5.09 13.56
C ILE B 207 18.38 -4.64 12.44
N ALA B 208 19.29 -5.54 12.00
CA ALA B 208 20.17 -5.24 10.88
C ALA B 208 19.36 -4.76 9.69
N LYS B 209 19.81 -3.68 9.06
CA LYS B 209 19.04 -3.11 7.96
C LYS B 209 19.07 -4.06 6.77
N LYS B 210 17.91 -4.36 6.21
CA LYS B 210 17.86 -5.29 5.10
C LYS B 210 18.16 -4.58 3.77
N SER B 211 18.58 -5.36 2.79
CA SER B 211 19.00 -4.82 1.51
C SER B 211 17.82 -4.43 0.63
N ARG B 212 18.10 -3.63 -0.39
CA ARG B 212 17.17 -3.30 -1.45
C ARG B 212 17.94 -3.26 -2.75
N LYS B 213 17.24 -3.54 -3.84
CA LYS B 213 17.81 -3.31 -5.16
C LYS B 213 18.20 -1.84 -5.30
N ALA B 214 19.23 -1.58 -6.13
CA ALA B 214 19.64 -0.20 -6.34
C ALA B 214 18.57 0.58 -7.09
N LEU B 215 18.57 1.90 -6.88
CA LEU B 215 17.64 2.77 -7.59
C LEU B 215 17.72 2.59 -9.09
N ASP B 216 18.92 2.47 -9.65
N ASP B 216 18.93 2.48 -9.65
CA ASP B 216 18.99 2.33 -11.09
CA ASP B 216 19.06 2.29 -11.09
C ASP B 216 18.57 0.94 -11.56
C ASP B 216 18.42 0.99 -11.55
N GLU B 217 18.29 0.01 -10.64
CA GLU B 217 17.67 -1.24 -11.02
C GLU B 217 16.17 -1.09 -11.12
N VAL B 218 15.57 -0.20 -10.33
CA VAL B 218 14.11 -0.15 -10.24
C VAL B 218 13.48 1.03 -10.97
N VAL B 219 14.26 2.05 -11.34
CA VAL B 219 13.74 3.25 -11.98
C VAL B 219 14.15 3.27 -13.45
N ARG B 220 13.18 3.55 -14.34
CA ARG B 220 13.46 3.79 -15.75
C ARG B 220 12.91 5.15 -16.12
N TRP B 221 13.73 5.98 -16.74
CA TRP B 221 13.32 7.33 -17.10
C TRP B 221 12.88 7.34 -18.55
N VAL B 222 11.73 7.95 -18.81
CA VAL B 222 11.14 8.02 -20.14
C VAL B 222 11.01 9.50 -20.47
N GLU B 223 12.03 10.05 -21.11
CA GLU B 223 12.06 11.50 -21.33
C GLU B 223 11.82 11.90 -22.79
#